data_4L7Y
#
_entry.id   4L7Y
#
_cell.length_a   95.750
_cell.length_b   98.230
_cell.length_c   65.340
_cell.angle_alpha   90.00
_cell.angle_beta   90.00
_cell.angle_gamma   90.00
#
_symmetry.space_group_name_H-M   'P 21 21 2'
#
loop_
_entity.id
_entity.type
_entity.pdbx_description
1 polymer 'Hemoglobin subunit alpha'
2 polymer 'Hemoglobin subunit beta'
3 non-polymer Mesoheme
4 non-polymer '(2R)-2-({(2S)-3-(biphenyl-4-yl)-2-[(3,5-dimethylbenzoyl)(methyl)amino]propanoyl}amino)-3-(1H-indol-3-yl)propanoic acid (non-preferred name)'
5 non-polymer '(2R)-2,3-diphosphoglyceric acid'
6 water water
#
loop_
_entity_poly.entity_id
_entity_poly.type
_entity_poly.pdbx_seq_one_letter_code
_entity_poly.pdbx_strand_id
1 'polypeptide(L)'
;VLSPADKTNVKAAWGKVGAHAGEYGAEALERMFLSFPTTKTYFPHFDLSHGSAQVKGHGKKVADALTNAVAHVDDMPNAL
SALSDLHAHKLRVDPVNFKLLSHCLLVTLAAHLPAEFTPAVHASLDKFLASVSTVLTSKYR
;
A,C
2 'polypeptide(L)'
;VHLTPEEKSAVTALWGKVNVDEVGGEALGRLLVVYPWTQRFFESFGDLSTPDAVMGNPKVKAHGKKVLGAFSDGLAHLDN
LKGTFATLSELHCDKLHVDPENFRLLGNVLVCVLAHHFGKEFTPPVQAAYQKVVAGVANALAHKYH
;
B,D
#
# COMPACT_ATOMS: atom_id res chain seq x y z
N VAL A 1 -0.22 -17.25 -7.37
CA VAL A 1 0.66 -18.21 -8.10
C VAL A 1 0.55 -18.00 -9.60
N LEU A 2 1.65 -18.24 -10.31
CA LEU A 2 1.66 -18.09 -11.76
C LEU A 2 1.26 -19.40 -12.41
N SER A 3 0.23 -19.36 -13.23
CA SER A 3 -0.29 -20.52 -13.92
C SER A 3 0.47 -20.77 -15.22
N PRO A 4 0.28 -21.94 -15.83
CA PRO A 4 0.98 -22.23 -17.09
C PRO A 4 0.67 -21.15 -18.11
N ALA A 5 -0.57 -20.67 -18.08
CA ALA A 5 -1.01 -19.62 -18.99
C ALA A 5 -0.28 -18.31 -18.72
N ASP A 6 -0.07 -17.99 -17.45
CA ASP A 6 0.63 -16.76 -17.11
C ASP A 6 2.07 -16.83 -17.61
N LYS A 7 2.71 -17.98 -17.37
CA LYS A 7 4.09 -18.19 -17.78
C LYS A 7 4.22 -18.11 -19.30
N THR A 8 3.26 -18.69 -20.01
CA THR A 8 3.28 -18.64 -21.47
C THR A 8 3.12 -17.19 -21.93
N ASN A 9 2.18 -16.48 -21.30
CA ASN A 9 1.90 -15.08 -21.62
C ASN A 9 3.11 -14.19 -21.39
N VAL A 10 3.77 -14.38 -20.26
CA VAL A 10 4.95 -13.58 -19.91
C VAL A 10 6.11 -13.84 -20.87
N LYS A 11 6.40 -15.11 -21.15
CA LYS A 11 7.49 -15.45 -22.04
C LYS A 11 7.30 -14.88 -23.45
N ALA A 12 6.04 -14.78 -23.88
CA ALA A 12 5.74 -14.25 -25.21
C ALA A 12 5.89 -12.73 -25.26
N ALA A 13 5.37 -12.05 -24.24
CA ALA A 13 5.44 -10.60 -24.19
C ALA A 13 6.87 -10.11 -23.97
N TRP A 14 7.59 -10.76 -23.06
CA TRP A 14 8.96 -10.34 -22.78
C TRP A 14 9.90 -10.73 -23.90
N GLY A 15 9.53 -11.75 -24.66
CA GLY A 15 10.36 -12.18 -25.77
C GLY A 15 10.37 -11.13 -26.86
N LYS A 16 9.30 -10.33 -26.91
CA LYS A 16 9.17 -9.27 -27.91
C LYS A 16 10.10 -8.11 -27.56
N VAL A 17 10.48 -8.01 -26.29
CA VAL A 17 11.36 -6.94 -25.83
C VAL A 17 12.76 -7.08 -26.44
N GLY A 18 13.34 -8.27 -26.32
CA GLY A 18 14.66 -8.53 -26.87
C GLY A 18 15.72 -7.47 -26.66
N ALA A 19 16.31 -7.02 -27.78
CA ALA A 19 17.35 -6.02 -27.75
C ALA A 19 16.93 -4.70 -27.11
N HIS A 20 15.64 -4.54 -26.88
CA HIS A 20 15.11 -3.32 -26.27
C HIS A 20 15.10 -3.38 -24.75
N ALA A 21 15.81 -4.35 -24.18
CA ALA A 21 15.87 -4.50 -22.73
C ALA A 21 16.35 -3.24 -22.00
N GLY A 22 17.60 -2.86 -22.23
CA GLY A 22 18.15 -1.68 -21.59
C GLY A 22 17.30 -0.45 -21.78
N GLU A 23 16.81 -0.27 -23.01
CA GLU A 23 15.98 0.88 -23.34
C GLU A 23 14.68 0.91 -22.53
N TYR A 24 13.97 -0.21 -22.49
CA TYR A 24 12.71 -0.27 -21.75
C TYR A 24 12.94 -0.20 -20.25
N GLY A 25 14.04 -0.79 -19.78
CA GLY A 25 14.34 -0.75 -18.37
C GLY A 25 14.61 0.68 -17.94
N ALA A 26 15.35 1.40 -18.79
CA ALA A 26 15.69 2.79 -18.52
C ALA A 26 14.45 3.67 -18.59
N GLU A 27 13.58 3.40 -19.55
CA GLU A 27 12.34 4.16 -19.71
C GLU A 27 11.44 3.95 -18.50
N ALA A 28 11.35 2.71 -18.04
CA ALA A 28 10.52 2.39 -16.88
C ALA A 28 11.02 3.16 -15.67
N LEU A 29 12.34 3.20 -15.48
CA LEU A 29 12.94 3.92 -14.36
C LEU A 29 12.64 5.41 -14.46
N GLU A 30 12.78 5.97 -15.66
CA GLU A 30 12.51 7.39 -15.85
C GLU A 30 11.05 7.67 -15.54
N ARG A 31 10.16 6.82 -16.02
CA ARG A 31 8.74 7.01 -15.75
C ARG A 31 8.49 6.99 -14.25
N MET A 32 9.20 6.11 -13.54
CA MET A 32 9.03 6.01 -12.09
C MET A 32 9.53 7.25 -11.36
N PHE A 33 10.72 7.72 -11.72
CA PHE A 33 11.30 8.88 -11.07
C PHE A 33 10.44 10.13 -11.28
N LEU A 34 9.82 10.25 -12.45
CA LEU A 34 8.99 11.40 -12.76
C LEU A 34 7.59 11.34 -12.13
N SER A 35 6.95 10.18 -12.19
CA SER A 35 5.61 10.01 -11.63
C SER A 35 5.58 9.86 -10.12
N PHE A 36 6.61 9.23 -9.56
CA PHE A 36 6.69 8.99 -8.13
C PHE A 36 8.04 9.48 -7.61
N PRO A 37 8.18 10.80 -7.44
CA PRO A 37 9.42 11.43 -6.97
C PRO A 37 10.08 10.83 -5.73
N THR A 38 9.28 10.24 -4.84
CA THR A 38 9.85 9.66 -3.63
C THR A 38 10.83 8.51 -3.92
N THR A 39 10.67 7.86 -5.06
CA THR A 39 11.57 6.76 -5.40
C THR A 39 12.99 7.24 -5.66
N LYS A 40 13.14 8.54 -5.94
CA LYS A 40 14.46 9.10 -6.19
C LYS A 40 15.32 9.14 -4.93
N THR A 41 14.69 8.95 -3.77
CA THR A 41 15.43 8.97 -2.51
C THR A 41 16.42 7.80 -2.41
N TYR A 42 16.26 6.81 -3.29
CA TYR A 42 17.14 5.65 -3.28
C TYR A 42 18.29 5.80 -4.27
N PHE A 43 18.28 6.88 -5.04
CA PHE A 43 19.34 7.09 -6.02
C PHE A 43 19.99 8.47 -5.92
N PRO A 44 20.34 8.91 -4.71
CA PRO A 44 20.96 10.23 -4.58
C PRO A 44 22.34 10.29 -5.26
N HIS A 45 22.95 9.12 -5.44
CA HIS A 45 24.26 9.04 -6.08
C HIS A 45 24.17 8.94 -7.60
N PHE A 46 22.95 9.03 -8.12
CA PHE A 46 22.72 8.95 -9.56
C PHE A 46 22.40 10.31 -10.17
N ASP A 47 22.82 10.50 -11.41
CA ASP A 47 22.47 11.70 -12.14
C ASP A 47 21.16 11.17 -12.70
N LEU A 48 20.05 11.76 -12.33
CA LEU A 48 18.75 11.29 -12.80
C LEU A 48 18.15 12.07 -13.95
N SER A 49 18.97 12.88 -14.63
CA SER A 49 18.49 13.65 -15.76
C SER A 49 18.19 12.71 -16.92
N HIS A 50 17.35 13.16 -17.85
CA HIS A 50 16.98 12.37 -19.01
C HIS A 50 18.17 11.80 -19.79
N GLY A 51 18.20 10.49 -19.94
CA GLY A 51 19.27 9.84 -20.68
C GLY A 51 20.63 9.76 -20.01
N SER A 52 20.67 9.87 -18.68
CA SER A 52 21.95 9.80 -17.97
C SER A 52 22.58 8.42 -18.14
N ALA A 53 23.90 8.35 -18.04
CA ALA A 53 24.61 7.08 -18.17
C ALA A 53 24.24 6.10 -17.06
N GLN A 54 24.09 6.61 -15.84
CA GLN A 54 23.75 5.75 -14.72
C GLN A 54 22.36 5.13 -14.82
N VAL A 55 21.38 5.93 -15.25
CA VAL A 55 20.02 5.39 -15.39
C VAL A 55 19.99 4.36 -16.51
N LYS A 56 20.69 4.64 -17.61
CA LYS A 56 20.75 3.71 -18.73
C LYS A 56 21.35 2.37 -18.28
N GLY A 57 22.48 2.45 -17.60
CA GLY A 57 23.14 1.25 -17.13
C GLY A 57 22.30 0.46 -16.14
N HIS A 58 21.65 1.17 -15.22
CA HIS A 58 20.83 0.50 -14.23
C HIS A 58 19.63 -0.14 -14.93
N GLY A 59 19.09 0.57 -15.91
CA GLY A 59 17.94 0.06 -16.64
C GLY A 59 18.26 -1.28 -17.29
N LYS A 60 19.47 -1.42 -17.80
CA LYS A 60 19.87 -2.66 -18.45
C LYS A 60 19.96 -3.79 -17.42
N LYS A 61 20.51 -3.49 -16.25
CA LYS A 61 20.64 -4.49 -15.18
C LYS A 61 19.28 -5.00 -14.72
N VAL A 62 18.32 -4.10 -14.56
CA VAL A 62 16.99 -4.48 -14.13
C VAL A 62 16.34 -5.36 -15.19
N ALA A 63 16.41 -4.91 -16.44
CA ALA A 63 15.84 -5.66 -17.55
C ALA A 63 16.44 -7.06 -17.65
N ASP A 64 17.76 -7.17 -17.54
CA ASP A 64 18.41 -8.48 -17.63
C ASP A 64 18.00 -9.39 -16.48
N ALA A 65 17.79 -8.80 -15.30
CA ALA A 65 17.38 -9.59 -14.14
C ALA A 65 16.01 -10.18 -14.43
N LEU A 66 15.15 -9.39 -15.07
CA LEU A 66 13.80 -9.83 -15.41
C LEU A 66 13.86 -10.90 -16.49
N THR A 67 14.77 -10.75 -17.46
CA THR A 67 14.93 -11.73 -18.52
C THR A 67 15.30 -13.07 -17.87
N ASN A 68 16.18 -13.02 -16.88
CA ASN A 68 16.62 -14.23 -16.18
C ASN A 68 15.46 -14.82 -15.40
N ALA A 69 14.66 -13.96 -14.78
CA ALA A 69 13.52 -14.42 -14.01
C ALA A 69 12.55 -15.16 -14.93
N VAL A 70 12.27 -14.55 -16.08
CA VAL A 70 11.37 -15.15 -17.07
C VAL A 70 11.84 -16.55 -17.47
N ALA A 71 13.14 -16.68 -17.69
CA ALA A 71 13.72 -17.96 -18.09
C ALA A 71 13.62 -18.99 -16.97
N HIS A 72 13.58 -18.51 -15.72
CA HIS A 72 13.49 -19.40 -14.57
C HIS A 72 12.17 -19.19 -13.84
N VAL A 73 11.13 -18.89 -14.60
CA VAL A 73 9.80 -18.63 -14.05
C VAL A 73 9.27 -19.79 -13.20
N ASP A 74 9.79 -21.00 -13.45
CA ASP A 74 9.35 -22.15 -12.67
C ASP A 74 9.92 -22.12 -11.26
N ASP A 75 11.10 -21.52 -11.10
CA ASP A 75 11.71 -21.42 -9.78
C ASP A 75 12.44 -20.10 -9.62
N MET A 76 11.67 -19.01 -9.56
CA MET A 76 12.26 -17.68 -9.40
C MET A 76 12.91 -17.47 -8.05
N PRO A 77 12.31 -17.98 -6.96
CA PRO A 77 12.92 -17.80 -5.65
C PRO A 77 14.40 -18.18 -5.65
N ASN A 78 14.73 -19.23 -6.40
CA ASN A 78 16.11 -19.68 -6.46
C ASN A 78 16.92 -18.80 -7.41
N ALA A 79 16.36 -18.51 -8.58
CA ALA A 79 17.06 -17.68 -9.56
C ALA A 79 17.32 -16.27 -9.07
N LEU A 80 16.42 -15.74 -8.26
CA LEU A 80 16.57 -14.38 -7.74
C LEU A 80 17.13 -14.34 -6.32
N SER A 81 17.63 -15.47 -5.83
CA SER A 81 18.16 -15.52 -4.47
C SER A 81 19.17 -14.43 -4.14
N ALA A 82 20.24 -14.34 -4.93
CA ALA A 82 21.26 -13.33 -4.69
C ALA A 82 20.68 -11.92 -4.72
N LEU A 83 19.79 -11.66 -5.67
CA LEU A 83 19.17 -10.35 -5.79
C LEU A 83 18.32 -10.07 -4.57
N SER A 84 17.62 -11.10 -4.10
CA SER A 84 16.77 -10.96 -2.91
C SER A 84 17.64 -10.62 -1.71
N ASP A 85 18.78 -11.29 -1.58
CA ASP A 85 19.68 -11.02 -0.47
C ASP A 85 20.11 -9.56 -0.54
N LEU A 86 20.48 -9.12 -1.75
CA LEU A 86 20.94 -7.75 -1.96
C LEU A 86 19.95 -6.70 -1.50
N HIS A 87 18.72 -6.80 -1.95
CA HIS A 87 17.72 -5.81 -1.56
C HIS A 87 17.33 -5.90 -0.09
N ALA A 88 17.31 -7.10 0.47
CA ALA A 88 16.93 -7.26 1.87
C ALA A 88 17.99 -6.83 2.88
N HIS A 89 19.26 -7.08 2.56
CA HIS A 89 20.33 -6.76 3.51
C HIS A 89 21.16 -5.51 3.25
N LYS A 90 21.17 -5.02 2.01
CA LYS A 90 21.97 -3.84 1.69
C LYS A 90 21.14 -2.64 1.23
N LEU A 91 20.55 -2.75 0.05
CA LEU A 91 19.74 -1.68 -0.52
C LEU A 91 18.59 -1.30 0.41
N ARG A 92 17.88 -2.31 0.90
CA ARG A 92 16.78 -2.08 1.82
C ARG A 92 15.75 -1.06 1.37
N VAL A 93 15.32 -1.20 0.11
CA VAL A 93 14.32 -0.35 -0.50
C VAL A 93 13.00 -0.71 0.18
N ASP A 94 12.27 0.29 0.65
CA ASP A 94 11.01 -0.03 1.29
C ASP A 94 10.10 -0.76 0.32
N PRO A 95 9.47 -1.86 0.78
CA PRO A 95 8.56 -2.67 -0.03
C PRO A 95 7.54 -1.93 -0.88
N VAL A 96 7.00 -0.82 -0.36
CA VAL A 96 5.98 -0.09 -1.12
C VAL A 96 6.43 0.37 -2.49
N ASN A 97 7.73 0.52 -2.68
CA ASN A 97 8.27 1.00 -3.95
C ASN A 97 8.25 0.00 -5.09
N PHE A 98 8.23 -1.29 -4.77
CA PHE A 98 8.23 -2.29 -5.82
C PHE A 98 6.98 -2.22 -6.69
N LYS A 99 5.85 -1.84 -6.11
CA LYS A 99 4.62 -1.72 -6.88
C LYS A 99 4.72 -0.54 -7.84
N LEU A 100 5.49 0.47 -7.44
CA LEU A 100 5.65 1.65 -8.28
C LEU A 100 6.44 1.32 -9.55
N LEU A 101 7.55 0.60 -9.39
CA LEU A 101 8.35 0.23 -10.55
C LEU A 101 7.61 -0.78 -11.43
N SER A 102 6.90 -1.71 -10.80
CA SER A 102 6.15 -2.73 -11.54
C SER A 102 5.12 -2.04 -12.44
N HIS A 103 4.43 -1.04 -11.87
CA HIS A 103 3.43 -0.29 -12.62
C HIS A 103 4.07 0.44 -13.81
N CYS A 104 5.24 1.00 -13.60
CA CYS A 104 5.92 1.72 -14.66
C CYS A 104 6.49 0.78 -15.72
N LEU A 105 6.79 -0.46 -15.32
CA LEU A 105 7.28 -1.45 -16.26
C LEU A 105 6.10 -1.85 -17.17
N LEU A 106 4.93 -2.05 -16.57
CA LEU A 106 3.74 -2.40 -17.34
C LEU A 106 3.43 -1.31 -18.36
N VAL A 107 3.43 -0.06 -17.92
CA VAL A 107 3.16 1.08 -18.78
C VAL A 107 4.14 1.11 -19.95
N THR A 108 5.41 0.84 -19.67
CA THR A 108 6.44 0.83 -20.69
C THR A 108 6.17 -0.25 -21.73
N LEU A 109 5.80 -1.44 -21.27
CA LEU A 109 5.50 -2.53 -22.17
C LEU A 109 4.25 -2.22 -22.99
N ALA A 110 3.26 -1.63 -22.33
CA ALA A 110 2.01 -1.26 -22.99
C ALA A 110 2.27 -0.25 -24.12
N ALA A 111 3.17 0.69 -23.86
CA ALA A 111 3.49 1.72 -24.85
C ALA A 111 4.34 1.20 -26.01
N HIS A 112 4.90 0.01 -25.85
CA HIS A 112 5.76 -0.58 -26.89
C HIS A 112 5.23 -1.86 -27.53
N LEU A 113 4.26 -2.50 -26.89
CA LEU A 113 3.70 -3.75 -27.42
C LEU A 113 2.21 -3.63 -27.71
N PRO A 114 1.83 -2.79 -28.67
CA PRO A 114 0.42 -2.62 -29.00
C PRO A 114 -0.35 -3.92 -29.25
N ALA A 115 0.31 -4.87 -29.91
CA ALA A 115 -0.33 -6.15 -30.22
C ALA A 115 -0.30 -7.16 -29.07
N GLU A 116 0.84 -7.28 -28.41
CA GLU A 116 0.99 -8.24 -27.31
C GLU A 116 0.31 -7.88 -25.99
N PHE A 117 0.15 -6.59 -25.71
CA PHE A 117 -0.44 -6.17 -24.45
C PHE A 117 -1.95 -6.32 -24.39
N THR A 118 -2.43 -7.55 -24.49
CA THR A 118 -3.86 -7.83 -24.44
C THR A 118 -4.30 -7.84 -22.98
N PRO A 119 -5.62 -7.86 -22.72
CA PRO A 119 -6.10 -7.88 -21.34
C PRO A 119 -5.53 -9.06 -20.57
N ALA A 120 -5.55 -10.24 -21.18
CA ALA A 120 -5.03 -11.44 -20.54
C ALA A 120 -3.54 -11.33 -20.26
N VAL A 121 -2.78 -10.82 -21.21
CA VAL A 121 -1.33 -10.66 -21.04
C VAL A 121 -1.03 -9.60 -19.99
N HIS A 122 -1.84 -8.55 -19.98
CA HIS A 122 -1.72 -7.45 -19.03
C HIS A 122 -1.81 -8.07 -17.62
N ALA A 123 -2.81 -8.91 -17.43
CA ALA A 123 -3.04 -9.58 -16.16
C ALA A 123 -1.87 -10.48 -15.76
N SER A 124 -1.37 -11.26 -16.71
CA SER A 124 -0.26 -12.16 -16.44
C SER A 124 1.02 -11.40 -16.08
N LEU A 125 1.29 -10.31 -16.81
CA LEU A 125 2.49 -9.53 -16.55
C LEU A 125 2.41 -8.88 -15.16
N ASP A 126 1.22 -8.42 -14.78
CA ASP A 126 1.06 -7.80 -13.47
C ASP A 126 1.33 -8.83 -12.38
N LYS A 127 0.77 -10.03 -12.53
CA LYS A 127 1.00 -11.08 -11.54
C LYS A 127 2.50 -11.41 -11.49
N PHE A 128 3.12 -11.47 -12.66
CA PHE A 128 4.54 -11.78 -12.76
C PHE A 128 5.40 -10.78 -11.99
N LEU A 129 5.25 -9.50 -12.31
CA LEU A 129 6.02 -8.46 -11.66
C LEU A 129 5.75 -8.43 -10.15
N ALA A 130 4.54 -8.81 -9.77
CA ALA A 130 4.18 -8.83 -8.35
C ALA A 130 4.92 -10.00 -7.70
N SER A 131 5.05 -11.09 -8.44
CA SER A 131 5.74 -12.27 -7.96
C SER A 131 7.22 -11.97 -7.76
N VAL A 132 7.80 -11.28 -8.74
CA VAL A 132 9.22 -10.92 -8.67
C VAL A 132 9.44 -10.01 -7.46
N SER A 133 8.56 -9.04 -7.29
CA SER A 133 8.63 -8.11 -6.17
C SER A 133 8.53 -8.87 -4.86
N THR A 134 7.64 -9.85 -4.81
CA THR A 134 7.47 -10.65 -3.60
C THR A 134 8.75 -11.41 -3.27
N VAL A 135 9.39 -11.99 -4.28
CA VAL A 135 10.63 -12.73 -4.03
C VAL A 135 11.71 -11.75 -3.56
N LEU A 136 11.81 -10.60 -4.21
CA LEU A 136 12.83 -9.63 -3.84
C LEU A 136 12.68 -9.06 -2.44
N THR A 137 11.48 -9.13 -1.86
CA THR A 137 11.27 -8.63 -0.50
C THR A 137 11.05 -9.75 0.51
N SER A 138 11.11 -10.99 0.04
CA SER A 138 10.87 -12.15 0.91
C SER A 138 11.81 -12.33 2.10
N LYS A 139 13.00 -11.73 2.04
CA LYS A 139 13.96 -11.87 3.11
C LYS A 139 14.18 -10.60 3.94
N TYR A 140 13.30 -9.63 3.77
CA TYR A 140 13.43 -8.36 4.50
C TYR A 140 13.40 -8.49 6.02
N ARG A 141 12.63 -9.43 6.55
CA ARG A 141 12.58 -9.62 8.00
C ARG A 141 12.12 -11.02 8.36
N HIS B 2 0.60 19.42 -8.85
CA HIS B 2 -0.75 20.06 -8.91
C HIS B 2 -1.07 20.40 -10.34
N LEU B 3 -0.31 19.81 -11.25
CA LEU B 3 -0.46 20.07 -12.66
C LEU B 3 0.05 21.48 -12.88
N THR B 4 1.30 21.56 -13.29
CA THR B 4 1.92 22.82 -13.58
C THR B 4 1.08 23.30 -14.77
N PRO B 5 1.05 24.60 -15.05
CA PRO B 5 0.25 25.03 -16.20
C PRO B 5 0.50 24.17 -17.43
N GLU B 6 1.75 23.74 -17.60
CA GLU B 6 2.14 22.91 -18.74
C GLU B 6 1.64 21.47 -18.65
N GLU B 7 1.42 21.00 -17.42
CA GLU B 7 0.90 19.65 -17.23
C GLU B 7 -0.58 19.62 -17.56
N LYS B 8 -1.28 20.70 -17.22
CA LYS B 8 -2.70 20.79 -17.51
C LYS B 8 -2.90 20.74 -19.02
N SER B 9 -2.05 21.46 -19.75
CA SER B 9 -2.11 21.51 -21.19
C SER B 9 -1.85 20.15 -21.82
N ALA B 10 -0.91 19.40 -21.25
CA ALA B 10 -0.59 18.08 -21.77
C ALA B 10 -1.79 17.16 -21.58
N VAL B 11 -2.43 17.25 -20.42
CA VAL B 11 -3.59 16.43 -20.12
C VAL B 11 -4.74 16.73 -21.07
N THR B 12 -5.11 17.99 -21.15
CA THR B 12 -6.20 18.41 -22.02
C THR B 12 -5.91 18.10 -23.49
N ALA B 13 -4.66 18.27 -23.90
CA ALA B 13 -4.27 18.01 -25.28
C ALA B 13 -4.41 16.54 -25.66
N LEU B 14 -4.01 15.64 -24.75
CA LEU B 14 -4.10 14.22 -25.03
C LEU B 14 -5.54 13.72 -24.92
N TRP B 15 -6.26 14.22 -23.93
CA TRP B 15 -7.64 13.79 -23.70
C TRP B 15 -8.57 14.21 -24.84
N GLY B 16 -8.23 15.31 -25.50
CA GLY B 16 -9.06 15.78 -26.59
C GLY B 16 -9.04 14.79 -27.75
N LYS B 17 -8.11 13.83 -27.69
CA LYS B 17 -7.99 12.83 -28.75
C LYS B 17 -8.56 11.48 -28.32
N VAL B 18 -9.08 11.42 -27.11
CA VAL B 18 -9.60 10.18 -26.57
C VAL B 18 -11.06 9.88 -26.90
N ASN B 19 -11.32 8.64 -27.27
CA ASN B 19 -12.68 8.20 -27.51
C ASN B 19 -13.06 7.67 -26.13
N VAL B 20 -13.71 8.50 -25.34
CA VAL B 20 -14.10 8.17 -23.97
C VAL B 20 -14.94 6.89 -23.85
N ASP B 21 -15.86 6.68 -24.80
CA ASP B 21 -16.71 5.49 -24.76
C ASP B 21 -15.87 4.22 -24.83
N GLU B 22 -14.98 4.16 -25.81
CA GLU B 22 -14.11 3.01 -26.01
C GLU B 22 -13.11 2.82 -24.87
N VAL B 23 -12.38 3.88 -24.53
CA VAL B 23 -11.40 3.78 -23.47
C VAL B 23 -12.05 3.40 -22.13
N GLY B 24 -13.28 3.86 -21.91
CA GLY B 24 -13.97 3.54 -20.67
C GLY B 24 -14.29 2.06 -20.56
N GLY B 25 -14.85 1.49 -21.63
CA GLY B 25 -15.18 0.07 -21.62
C GLY B 25 -13.95 -0.79 -21.51
N GLU B 26 -12.87 -0.34 -22.15
CA GLU B 26 -11.60 -1.06 -22.13
C GLU B 26 -10.99 -1.03 -20.72
N ALA B 27 -11.05 0.14 -20.09
CA ALA B 27 -10.50 0.31 -18.75
C ALA B 27 -11.24 -0.51 -17.70
N LEU B 28 -12.56 -0.43 -17.69
CA LEU B 28 -13.34 -1.19 -16.72
C LEU B 28 -13.16 -2.68 -16.97
N GLY B 29 -13.10 -3.05 -18.25
CA GLY B 29 -12.92 -4.44 -18.60
C GLY B 29 -11.59 -4.97 -18.08
N ARG B 30 -10.51 -4.25 -18.34
CA ARG B 30 -9.20 -4.68 -17.86
C ARG B 30 -9.16 -4.72 -16.34
N LEU B 31 -9.87 -3.80 -15.69
CA LEU B 31 -9.92 -3.78 -14.23
C LEU B 31 -10.47 -5.14 -13.77
N LEU B 32 -11.60 -5.53 -14.35
CA LEU B 32 -12.24 -6.80 -14.00
C LEU B 32 -11.39 -8.03 -14.34
N VAL B 33 -10.53 -7.93 -15.35
CA VAL B 33 -9.68 -9.05 -15.75
C VAL B 33 -8.42 -9.15 -14.90
N VAL B 34 -7.72 -8.02 -14.75
CA VAL B 34 -6.48 -7.97 -13.99
C VAL B 34 -6.66 -8.10 -12.48
N TYR B 35 -7.75 -7.56 -11.96
CA TYR B 35 -8.07 -7.61 -10.52
C TYR B 35 -9.48 -8.17 -10.41
N PRO B 36 -9.64 -9.48 -10.67
CA PRO B 36 -10.92 -10.20 -10.63
C PRO B 36 -11.84 -9.97 -9.45
N TRP B 37 -11.28 -9.68 -8.28
CA TRP B 37 -12.12 -9.44 -7.12
C TRP B 37 -13.01 -8.22 -7.30
N THR B 38 -12.66 -7.34 -8.23
CA THR B 38 -13.48 -6.15 -8.47
C THR B 38 -14.81 -6.53 -9.11
N GLN B 39 -14.89 -7.76 -9.59
CA GLN B 39 -16.11 -8.25 -10.21
C GLN B 39 -17.23 -8.36 -9.16
N ARG B 40 -16.86 -8.24 -7.89
CA ARG B 40 -17.82 -8.35 -6.80
C ARG B 40 -19.01 -7.40 -6.88
N PHE B 41 -18.83 -6.26 -7.56
CA PHE B 41 -19.90 -5.28 -7.67
C PHE B 41 -20.79 -5.45 -8.90
N PHE B 42 -20.42 -6.35 -9.80
CA PHE B 42 -21.18 -6.53 -11.03
C PHE B 42 -21.66 -7.95 -11.32
N GLU B 43 -22.17 -8.65 -10.30
CA GLU B 43 -22.65 -10.01 -10.49
C GLU B 43 -23.86 -10.05 -11.43
N SER B 44 -24.57 -8.93 -11.56
CA SER B 44 -25.74 -8.88 -12.42
C SER B 44 -25.42 -8.56 -13.87
N PHE B 45 -24.13 -8.39 -14.18
CA PHE B 45 -23.72 -8.08 -15.55
C PHE B 45 -23.61 -9.31 -16.45
N GLY B 46 -23.82 -10.49 -15.88
CA GLY B 46 -23.75 -11.69 -16.68
C GLY B 46 -22.42 -12.42 -16.73
N ASP B 47 -22.06 -12.87 -17.93
CA ASP B 47 -20.84 -13.63 -18.16
C ASP B 47 -19.54 -12.85 -17.95
N LEU B 48 -18.73 -13.29 -16.98
CA LEU B 48 -17.45 -12.67 -16.67
C LEU B 48 -16.46 -13.80 -16.40
N SER B 49 -16.76 -14.98 -16.92
CA SER B 49 -15.95 -16.17 -16.72
C SER B 49 -14.57 -16.19 -17.39
N THR B 50 -14.37 -15.34 -18.38
CA THR B 50 -13.09 -15.30 -19.08
C THR B 50 -12.74 -13.87 -19.49
N PRO B 51 -11.46 -13.62 -19.82
CA PRO B 51 -11.05 -12.28 -20.22
C PRO B 51 -11.91 -11.78 -21.39
N ASP B 52 -12.02 -12.59 -22.44
CA ASP B 52 -12.82 -12.19 -23.59
C ASP B 52 -14.29 -12.02 -23.24
N ALA B 53 -14.79 -12.85 -22.34
CA ALA B 53 -16.19 -12.72 -21.93
C ALA B 53 -16.35 -11.35 -21.27
N VAL B 54 -15.40 -11.00 -20.41
CA VAL B 54 -15.44 -9.72 -19.72
C VAL B 54 -15.33 -8.53 -20.66
N MET B 55 -14.32 -8.55 -21.54
CA MET B 55 -14.11 -7.44 -22.47
C MET B 55 -15.27 -7.27 -23.46
N GLY B 56 -15.84 -8.38 -23.91
CA GLY B 56 -16.93 -8.32 -24.84
C GLY B 56 -18.30 -8.14 -24.20
N ASN B 57 -18.36 -8.24 -22.88
CA ASN B 57 -19.63 -8.10 -22.15
C ASN B 57 -20.22 -6.71 -22.38
N PRO B 58 -21.40 -6.64 -23.02
CA PRO B 58 -22.05 -5.36 -23.29
C PRO B 58 -22.35 -4.50 -22.07
N LYS B 59 -22.64 -5.13 -20.93
CA LYS B 59 -22.92 -4.36 -19.72
C LYS B 59 -21.63 -3.77 -19.14
N VAL B 60 -20.52 -4.46 -19.36
CA VAL B 60 -19.22 -3.98 -18.89
C VAL B 60 -18.84 -2.75 -19.72
N LYS B 61 -18.98 -2.86 -21.03
CA LYS B 61 -18.67 -1.76 -21.92
C LYS B 61 -19.53 -0.54 -21.64
N ALA B 62 -20.82 -0.76 -21.43
CA ALA B 62 -21.75 0.34 -21.16
C ALA B 62 -21.39 1.04 -19.84
N HIS B 63 -21.05 0.24 -18.83
CA HIS B 63 -20.72 0.84 -17.55
C HIS B 63 -19.39 1.58 -17.64
N GLY B 64 -18.45 1.01 -18.39
CA GLY B 64 -17.16 1.65 -18.54
C GLY B 64 -17.34 3.00 -19.21
N LYS B 65 -18.22 3.05 -20.20
CA LYS B 65 -18.50 4.30 -20.91
C LYS B 65 -19.05 5.36 -19.98
N LYS B 66 -19.99 4.96 -19.12
CA LYS B 66 -20.61 5.87 -18.18
C LYS B 66 -19.62 6.41 -17.15
N VAL B 67 -18.83 5.50 -16.60
CA VAL B 67 -17.83 5.85 -15.61
C VAL B 67 -16.79 6.83 -16.15
N LEU B 68 -16.24 6.53 -17.32
CA LEU B 68 -15.23 7.39 -17.90
C LEU B 68 -15.84 8.70 -18.41
N GLY B 69 -17.13 8.69 -18.68
CA GLY B 69 -17.81 9.89 -19.13
C GLY B 69 -17.80 10.91 -18.00
N ALA B 70 -18.10 10.43 -16.79
CA ALA B 70 -18.10 11.32 -15.63
C ALA B 70 -16.66 11.78 -15.38
N PHE B 71 -15.72 10.86 -15.55
CA PHE B 71 -14.30 11.14 -15.38
C PHE B 71 -13.92 12.27 -16.34
N SER B 72 -14.31 12.10 -17.60
CA SER B 72 -14.02 13.07 -18.64
C SER B 72 -14.54 14.47 -18.32
N ASP B 73 -15.80 14.56 -17.89
CA ASP B 73 -16.37 15.86 -17.56
C ASP B 73 -15.57 16.50 -16.43
N GLY B 74 -15.02 15.67 -15.55
CA GLY B 74 -14.24 16.18 -14.44
C GLY B 74 -12.92 16.81 -14.84
N LEU B 75 -12.40 16.39 -15.99
CA LEU B 75 -11.13 16.91 -16.49
C LEU B 75 -11.20 18.36 -16.93
N ALA B 76 -12.42 18.90 -17.00
CA ALA B 76 -12.61 20.28 -17.41
C ALA B 76 -12.52 21.18 -16.17
N HIS B 77 -12.52 20.56 -15.00
CA HIS B 77 -12.46 21.30 -13.74
C HIS B 77 -11.36 20.77 -12.83
N LEU B 78 -10.15 20.69 -13.35
CA LEU B 78 -9.00 20.19 -12.61
C LEU B 78 -8.69 20.96 -11.33
N ASP B 79 -9.22 22.17 -11.21
CA ASP B 79 -8.97 22.98 -10.04
C ASP B 79 -9.94 22.71 -8.89
N ASN B 80 -11.01 21.97 -9.16
CA ASN B 80 -11.98 21.66 -8.12
C ASN B 80 -12.56 20.26 -8.29
N LEU B 81 -11.69 19.26 -8.29
CA LEU B 81 -12.12 17.88 -8.45
C LEU B 81 -13.00 17.43 -7.29
N LYS B 82 -12.67 17.91 -6.08
CA LYS B 82 -13.44 17.54 -4.90
C LYS B 82 -14.88 18.01 -5.09
N GLY B 83 -15.05 19.26 -5.48
CA GLY B 83 -16.38 19.79 -5.68
C GLY B 83 -17.12 19.06 -6.78
N THR B 84 -16.45 18.86 -7.91
CA THR B 84 -17.05 18.18 -9.05
C THR B 84 -17.57 16.78 -8.75
N PHE B 85 -16.82 16.00 -7.99
CA PHE B 85 -17.24 14.63 -7.68
C PHE B 85 -17.86 14.41 -6.30
N ALA B 86 -18.16 15.50 -5.60
CA ALA B 86 -18.75 15.40 -4.28
C ALA B 86 -19.98 14.49 -4.24
N THR B 87 -20.91 14.72 -5.17
CA THR B 87 -22.14 13.93 -5.22
C THR B 87 -21.89 12.45 -5.52
N LEU B 88 -21.01 12.16 -6.46
CA LEU B 88 -20.72 10.77 -6.78
C LEU B 88 -20.00 10.09 -5.63
N SER B 89 -19.23 10.88 -4.88
CA SER B 89 -18.50 10.35 -3.73
C SER B 89 -19.50 9.82 -2.70
N GLU B 90 -20.45 10.66 -2.30
CA GLU B 90 -21.45 10.26 -1.31
C GLU B 90 -22.22 9.05 -1.82
N LEU B 91 -22.45 9.03 -3.13
CA LEU B 91 -23.17 7.94 -3.77
C LEU B 91 -22.43 6.61 -3.63
N HIS B 92 -21.18 6.58 -4.08
CA HIS B 92 -20.41 5.34 -3.99
C HIS B 92 -20.23 4.87 -2.55
N CYS B 93 -20.28 5.79 -1.60
CA CYS B 93 -20.13 5.40 -0.20
C CYS B 93 -21.42 4.92 0.44
N ASP B 94 -22.47 5.74 0.38
CA ASP B 94 -23.75 5.41 1.00
C ASP B 94 -24.64 4.40 0.28
N LYS B 95 -24.63 4.40 -1.05
CA LYS B 95 -25.46 3.48 -1.81
C LYS B 95 -24.74 2.28 -2.39
N LEU B 96 -23.65 2.53 -3.10
CA LEU B 96 -22.89 1.47 -3.74
C LEU B 96 -21.93 0.72 -2.82
N HIS B 97 -21.47 1.38 -1.76
CA HIS B 97 -20.54 0.75 -0.82
C HIS B 97 -19.31 0.25 -1.55
N VAL B 98 -18.70 1.13 -2.34
CA VAL B 98 -17.51 0.78 -3.09
C VAL B 98 -16.23 1.26 -2.42
N ASP B 99 -15.39 0.32 -2.01
CA ASP B 99 -14.12 0.63 -1.38
C ASP B 99 -13.37 1.56 -2.34
N PRO B 100 -12.94 2.74 -1.89
CA PRO B 100 -12.23 3.70 -2.74
C PRO B 100 -10.95 3.17 -3.39
N GLU B 101 -10.40 2.09 -2.85
CA GLU B 101 -9.18 1.52 -3.42
C GLU B 101 -9.47 1.21 -4.88
N ASN B 102 -10.73 0.85 -5.16
CA ASN B 102 -11.13 0.52 -6.52
C ASN B 102 -10.91 1.69 -7.47
N PHE B 103 -11.09 2.91 -6.98
CA PHE B 103 -10.88 4.09 -7.81
C PHE B 103 -9.40 4.20 -8.18
N ARG B 104 -8.54 3.82 -7.25
CA ARG B 104 -7.11 3.88 -7.48
C ARG B 104 -6.68 2.82 -8.49
N LEU B 105 -7.25 1.62 -8.36
CA LEU B 105 -6.95 0.54 -9.28
C LEU B 105 -7.38 0.91 -10.70
N LEU B 106 -8.58 1.46 -10.84
CA LEU B 106 -9.05 1.84 -12.18
C LEU B 106 -8.12 2.92 -12.73
N GLY B 107 -7.66 3.80 -11.85
CA GLY B 107 -6.76 4.86 -12.28
C GLY B 107 -5.53 4.30 -12.94
N ASN B 108 -4.93 3.28 -12.31
CA ASN B 108 -3.73 2.65 -12.85
C ASN B 108 -4.02 1.97 -14.18
N VAL B 109 -5.15 1.26 -14.24
CA VAL B 109 -5.52 0.57 -15.46
C VAL B 109 -5.72 1.60 -16.57
N LEU B 110 -6.36 2.73 -16.26
CA LEU B 110 -6.56 3.77 -17.26
C LEU B 110 -5.23 4.24 -17.82
N VAL B 111 -4.24 4.43 -16.94
CA VAL B 111 -2.92 4.86 -17.39
C VAL B 111 -2.34 3.83 -18.35
N CYS B 112 -2.50 2.54 -18.02
CA CYS B 112 -2.00 1.48 -18.89
C CYS B 112 -2.72 1.51 -20.22
N VAL B 113 -4.03 1.77 -20.19
CA VAL B 113 -4.81 1.80 -21.43
C VAL B 113 -4.40 2.99 -22.28
N LEU B 114 -4.14 4.13 -21.64
CA LEU B 114 -3.72 5.32 -22.39
C LEU B 114 -2.37 5.04 -23.04
N ALA B 115 -1.49 4.35 -22.32
CA ALA B 115 -0.17 4.02 -22.83
C ALA B 115 -0.30 3.08 -24.03
N HIS B 116 -1.13 2.05 -23.87
CA HIS B 116 -1.35 1.08 -24.93
C HIS B 116 -1.90 1.73 -26.19
N HIS B 117 -2.82 2.67 -26.02
CA HIS B 117 -3.43 3.34 -27.18
C HIS B 117 -2.56 4.41 -27.84
N PHE B 118 -1.95 5.28 -27.05
CA PHE B 118 -1.13 6.35 -27.61
C PHE B 118 0.33 6.01 -27.89
N GLY B 119 0.77 4.82 -27.45
CA GLY B 119 2.16 4.44 -27.71
C GLY B 119 3.18 5.45 -27.21
N LYS B 120 4.16 5.76 -28.04
CA LYS B 120 5.23 6.69 -27.68
C LYS B 120 4.74 8.09 -27.32
N GLU B 121 3.54 8.44 -27.78
CA GLU B 121 2.98 9.75 -27.51
C GLU B 121 2.72 9.91 -26.01
N PHE B 122 2.52 8.79 -25.31
CA PHE B 122 2.27 8.81 -23.88
C PHE B 122 3.63 8.79 -23.18
N THR B 123 4.36 9.89 -23.32
CA THR B 123 5.69 10.06 -22.76
C THR B 123 5.77 10.01 -21.23
N PRO B 124 6.99 9.89 -20.68
CA PRO B 124 7.11 9.84 -19.21
C PRO B 124 6.52 11.08 -18.56
N PRO B 125 6.71 12.27 -19.17
CA PRO B 125 6.16 13.49 -18.57
C PRO B 125 4.63 13.49 -18.63
N VAL B 126 4.08 13.04 -19.75
CA VAL B 126 2.63 12.98 -19.91
C VAL B 126 2.06 11.99 -18.89
N GLN B 127 2.77 10.89 -18.67
CA GLN B 127 2.31 9.91 -17.70
C GLN B 127 2.26 10.56 -16.32
N ALA B 128 3.36 11.21 -15.95
CA ALA B 128 3.44 11.87 -14.65
C ALA B 128 2.23 12.77 -14.43
N ALA B 129 1.87 13.53 -15.46
CA ALA B 129 0.73 14.44 -15.36
C ALA B 129 -0.57 13.66 -15.14
N TYR B 130 -0.72 12.54 -15.83
CA TYR B 130 -1.93 11.75 -15.68
C TYR B 130 -1.99 11.02 -14.34
N GLN B 131 -0.83 10.65 -13.79
CA GLN B 131 -0.80 9.98 -12.50
C GLN B 131 -1.37 10.96 -11.46
N LYS B 132 -1.08 12.24 -11.64
CA LYS B 132 -1.58 13.27 -10.71
C LYS B 132 -3.09 13.39 -10.90
N VAL B 133 -3.55 13.28 -12.14
CA VAL B 133 -4.98 13.38 -12.42
C VAL B 133 -5.78 12.22 -11.82
N VAL B 134 -5.37 10.98 -12.09
CA VAL B 134 -6.09 9.84 -11.56
C VAL B 134 -6.06 9.78 -10.03
N ALA B 135 -4.97 10.27 -9.43
CA ALA B 135 -4.87 10.26 -7.97
C ALA B 135 -5.83 11.32 -7.45
N GLY B 136 -5.91 12.44 -8.16
CA GLY B 136 -6.79 13.52 -7.76
C GLY B 136 -8.26 13.11 -7.86
N VAL B 137 -8.60 12.40 -8.93
CA VAL B 137 -9.98 11.96 -9.10
C VAL B 137 -10.33 10.92 -8.04
N ALA B 138 -9.40 10.00 -7.77
CA ALA B 138 -9.65 8.97 -6.77
C ALA B 138 -9.83 9.61 -5.39
N ASN B 139 -8.97 10.57 -5.06
CA ASN B 139 -9.05 11.26 -3.78
C ASN B 139 -10.38 12.01 -3.67
N ALA B 140 -10.80 12.63 -4.76
CA ALA B 140 -12.05 13.38 -4.79
C ALA B 140 -13.24 12.45 -4.54
N LEU B 141 -13.22 11.28 -5.19
CA LEU B 141 -14.30 10.32 -5.02
C LEU B 141 -14.35 9.68 -3.64
N ALA B 142 -13.23 9.67 -2.94
CA ALA B 142 -13.20 9.07 -1.61
C ALA B 142 -13.35 10.12 -0.52
N HIS B 143 -13.36 11.39 -0.94
CA HIS B 143 -13.44 12.50 0.01
C HIS B 143 -14.67 12.57 0.91
N LYS B 144 -15.83 12.16 0.40
CA LYS B 144 -17.04 12.22 1.19
C LYS B 144 -17.35 10.95 1.98
N TYR B 145 -16.45 9.96 1.92
CA TYR B 145 -16.67 8.72 2.65
C TYR B 145 -16.63 8.98 4.16
N HIS B 146 -17.39 8.19 4.92
CA HIS B 146 -17.45 8.37 6.37
C HIS B 146 -17.91 7.08 7.03
N VAL C 1 8.80 -15.13 6.21
CA VAL C 1 8.72 -16.50 6.81
C VAL C 1 8.86 -16.38 8.33
N LEU C 2 8.12 -17.19 9.07
CA LEU C 2 8.19 -17.14 10.54
C LEU C 2 9.30 -18.01 11.09
N SER C 3 10.17 -17.39 11.88
CA SER C 3 11.30 -18.08 12.50
C SER C 3 10.85 -18.83 13.74
N PRO C 4 11.73 -19.68 14.30
CA PRO C 4 11.36 -20.42 15.51
C PRO C 4 10.99 -19.43 16.61
N ALA C 5 11.76 -18.35 16.71
CA ALA C 5 11.52 -17.32 17.71
C ALA C 5 10.18 -16.62 17.47
N ASP C 6 9.86 -16.34 16.21
CA ASP C 6 8.58 -15.70 15.89
C ASP C 6 7.44 -16.55 16.41
N LYS C 7 7.50 -17.84 16.12
CA LYS C 7 6.46 -18.76 16.55
C LYS C 7 6.35 -18.83 18.08
N THR C 8 7.49 -18.80 18.76
CA THR C 8 7.47 -18.83 20.23
C THR C 8 6.78 -17.57 20.74
N ASN C 9 7.15 -16.43 20.15
CA ASN C 9 6.57 -15.15 20.56
C ASN C 9 5.07 -15.07 20.29
N VAL C 10 4.66 -15.51 19.12
CA VAL C 10 3.23 -15.48 18.78
C VAL C 10 2.42 -16.39 19.69
N LYS C 11 2.91 -17.59 19.95
CA LYS C 11 2.19 -18.51 20.80
C LYS C 11 2.09 -17.97 22.22
N ALA C 12 3.16 -17.33 22.70
CA ALA C 12 3.17 -16.77 24.04
C ALA C 12 2.18 -15.61 24.14
N ALA C 13 2.23 -14.70 23.17
CA ALA C 13 1.33 -13.55 23.18
C ALA C 13 -0.13 -13.94 23.00
N TRP C 14 -0.42 -14.82 22.05
CA TRP C 14 -1.80 -15.21 21.82
C TRP C 14 -2.34 -16.10 22.94
N GLY C 15 -1.44 -16.79 23.61
CA GLY C 15 -1.84 -17.64 24.72
C GLY C 15 -2.31 -16.78 25.87
N LYS C 16 -1.63 -15.64 26.05
CA LYS C 16 -2.00 -14.71 27.11
C LYS C 16 -3.38 -14.13 26.81
N VAL C 17 -3.66 -13.92 25.52
CA VAL C 17 -4.97 -13.39 25.13
C VAL C 17 -6.02 -14.38 25.63
N GLY C 18 -5.72 -15.67 25.47
CA GLY C 18 -6.61 -16.72 25.91
C GLY C 18 -8.09 -16.53 25.67
N ALA C 19 -8.86 -16.55 26.76
CA ALA C 19 -10.32 -16.42 26.70
C ALA C 19 -10.83 -15.09 26.17
N HIS C 20 -9.97 -14.07 26.14
CA HIS C 20 -10.39 -12.76 25.66
C HIS C 20 -10.26 -12.59 24.14
N ALA C 21 -9.82 -13.63 23.45
CA ALA C 21 -9.64 -13.54 22.00
C ALA C 21 -10.86 -12.95 21.28
N GLY C 22 -12.05 -13.46 21.59
CA GLY C 22 -13.26 -12.94 20.96
C GLY C 22 -13.48 -11.47 21.23
N GLU C 23 -13.30 -11.06 22.48
CA GLU C 23 -13.48 -9.67 22.87
C GLU C 23 -12.49 -8.78 22.11
N TYR C 24 -11.25 -9.23 22.01
CA TYR C 24 -10.21 -8.47 21.33
C TYR C 24 -10.53 -8.37 19.83
N GLY C 25 -11.11 -9.44 19.29
CA GLY C 25 -11.46 -9.43 17.88
C GLY C 25 -12.46 -8.33 17.61
N ALA C 26 -13.48 -8.25 18.46
CA ALA C 26 -14.53 -7.23 18.32
C ALA C 26 -13.94 -5.84 18.50
N GLU C 27 -13.03 -5.70 19.45
CA GLU C 27 -12.40 -4.41 19.69
C GLU C 27 -11.54 -3.98 18.51
N ALA C 28 -10.79 -4.93 17.93
CA ALA C 28 -9.95 -4.60 16.79
C ALA C 28 -10.80 -4.14 15.62
N LEU C 29 -11.93 -4.82 15.40
CA LEU C 29 -12.82 -4.43 14.31
C LEU C 29 -13.34 -3.02 14.53
N GLU C 30 -13.75 -2.73 15.75
CA GLU C 30 -14.27 -1.41 16.07
C GLU C 30 -13.20 -0.34 15.82
N ARG C 31 -11.97 -0.63 16.22
CA ARG C 31 -10.87 0.32 16.01
C ARG C 31 -10.69 0.54 14.51
N MET C 32 -10.83 -0.53 13.75
CA MET C 32 -10.68 -0.43 12.30
C MET C 32 -11.77 0.44 11.67
N PHE C 33 -13.02 0.19 12.05
CA PHE C 33 -14.12 0.96 11.49
C PHE C 33 -14.03 2.45 11.80
N LEU C 34 -13.52 2.78 12.99
CA LEU C 34 -13.41 4.18 13.38
C LEU C 34 -12.20 4.88 12.77
N SER C 35 -11.06 4.20 12.74
CA SER C 35 -9.85 4.78 12.19
C SER C 35 -9.78 4.76 10.67
N PHE C 36 -10.33 3.72 10.06
CA PHE C 36 -10.31 3.59 8.61
C PHE C 36 -11.73 3.31 8.11
N PRO C 37 -12.56 4.36 8.01
CA PRO C 37 -13.95 4.29 7.57
C PRO C 37 -14.23 3.54 6.28
N THR C 38 -13.25 3.55 5.36
CA THR C 38 -13.46 2.87 4.08
C THR C 38 -13.69 1.38 4.26
N THR C 39 -13.20 0.81 5.36
CA THR C 39 -13.38 -0.62 5.59
C THR C 39 -14.85 -0.96 5.87
N LYS C 40 -15.64 0.06 6.21
CA LYS C 40 -17.05 -0.16 6.48
C LYS C 40 -17.84 -0.49 5.22
N THR C 41 -17.22 -0.30 4.05
CA THR C 41 -17.92 -0.59 2.80
C THR C 41 -18.18 -2.08 2.62
N TYR C 42 -17.50 -2.90 3.41
CA TYR C 42 -17.67 -4.35 3.33
C TYR C 42 -18.70 -4.89 4.31
N PHE C 43 -19.22 -4.01 5.16
CA PHE C 43 -20.22 -4.40 6.15
C PHE C 43 -21.46 -3.50 6.11
N PRO C 44 -22.02 -3.24 4.92
CA PRO C 44 -23.20 -2.38 4.87
C PRO C 44 -24.42 -3.00 5.53
N HIS C 45 -24.38 -4.32 5.69
CA HIS C 45 -25.47 -5.08 6.30
C HIS C 45 -25.31 -5.20 7.82
N PHE C 46 -24.23 -4.64 8.36
CA PHE C 46 -23.96 -4.68 9.80
C PHE C 46 -24.39 -3.42 10.54
N ASP C 47 -24.75 -3.61 11.81
CA ASP C 47 -25.04 -2.49 12.70
C ASP C 47 -23.62 -2.32 13.20
N LEU C 48 -23.00 -1.18 12.94
CA LEU C 48 -21.61 -0.98 13.37
C LEU C 48 -21.46 -0.14 14.64
N SER C 49 -22.55 0.08 15.35
CA SER C 49 -22.50 0.86 16.57
C SER C 49 -21.73 0.06 17.62
N HIS C 50 -21.17 0.77 18.60
CA HIS C 50 -20.40 0.13 19.65
C HIS C 50 -21.18 -0.97 20.37
N GLY C 51 -20.55 -2.15 20.47
CA GLY C 51 -21.16 -3.28 21.15
C GLY C 51 -22.26 -4.01 20.42
N SER C 52 -22.43 -3.73 19.13
CA SER C 52 -23.48 -4.40 18.37
C SER C 52 -23.27 -5.91 18.36
N ALA C 53 -24.36 -6.65 18.25
CA ALA C 53 -24.32 -8.10 18.23
C ALA C 53 -23.53 -8.63 17.03
N GLN C 54 -23.71 -8.01 15.87
CA GLN C 54 -23.02 -8.46 14.66
C GLN C 54 -21.50 -8.29 14.75
N VAL C 55 -21.06 -7.16 15.27
CA VAL C 55 -19.62 -6.94 15.42
C VAL C 55 -19.06 -7.92 16.44
N LYS C 56 -19.79 -8.15 17.53
CA LYS C 56 -19.34 -9.09 18.56
C LYS C 56 -19.19 -10.49 17.97
N GLY C 57 -20.20 -10.91 17.22
CA GLY C 57 -20.16 -12.22 16.60
C GLY C 57 -19.05 -12.34 15.58
N HIS C 58 -18.85 -11.30 14.78
CA HIS C 58 -17.81 -11.37 13.77
C HIS C 58 -16.42 -11.35 14.40
N GLY C 59 -16.26 -10.56 15.46
CA GLY C 59 -14.98 -10.49 16.15
C GLY C 59 -14.58 -11.86 16.65
N LYS C 60 -15.58 -12.63 17.11
CA LYS C 60 -15.35 -13.97 17.62
C LYS C 60 -14.85 -14.88 16.49
N LYS C 61 -15.49 -14.80 15.33
CA LYS C 61 -15.09 -15.63 14.20
C LYS C 61 -13.65 -15.30 13.78
N VAL C 62 -13.34 -14.00 13.67
CA VAL C 62 -12.01 -13.56 13.27
C VAL C 62 -10.96 -14.03 14.27
N ALA C 63 -11.22 -13.85 15.56
CA ALA C 63 -10.27 -14.26 16.60
C ALA C 63 -10.08 -15.79 16.60
N ASP C 64 -11.17 -16.53 16.44
CA ASP C 64 -11.07 -17.99 16.40
C ASP C 64 -10.24 -18.46 15.20
N ALA C 65 -10.32 -17.72 14.10
CA ALA C 65 -9.55 -18.07 12.90
C ALA C 65 -8.07 -17.86 13.20
N LEU C 66 -7.77 -16.82 13.96
CA LEU C 66 -6.39 -16.53 14.33
C LEU C 66 -5.89 -17.57 15.32
N THR C 67 -6.73 -17.96 16.27
CA THR C 67 -6.36 -18.97 17.25
C THR C 67 -6.02 -20.27 16.54
N ASN C 68 -6.80 -20.58 15.50
CA ASN C 68 -6.59 -21.80 14.73
C ASN C 68 -5.27 -21.75 13.97
N ALA C 69 -4.94 -20.57 13.42
CA ALA C 69 -3.69 -20.39 12.69
C ALA C 69 -2.50 -20.58 13.63
N VAL C 70 -2.60 -20.08 14.86
CA VAL C 70 -1.53 -20.21 15.83
C VAL C 70 -1.36 -21.70 16.19
N ALA C 71 -2.48 -22.42 16.28
CA ALA C 71 -2.45 -23.84 16.61
C ALA C 71 -1.82 -24.63 15.46
N HIS C 72 -1.92 -24.08 14.26
CA HIS C 72 -1.36 -24.72 13.06
C HIS C 72 -0.40 -23.77 12.37
N VAL C 73 0.45 -23.13 13.15
CA VAL C 73 1.41 -22.15 12.66
C VAL C 73 2.40 -22.67 11.62
N ASP C 74 2.59 -23.98 11.55
CA ASP C 74 3.52 -24.56 10.57
C ASP C 74 2.78 -25.12 9.35
N ASP C 75 1.49 -24.86 9.28
CA ASP C 75 0.68 -25.36 8.17
C ASP C 75 -0.49 -24.41 7.90
N MET C 76 -0.21 -23.11 7.98
CA MET C 76 -1.26 -22.11 7.77
C MET C 76 -1.93 -22.12 6.41
N PRO C 77 -1.16 -22.32 5.33
CA PRO C 77 -1.80 -22.34 4.01
C PRO C 77 -2.93 -23.36 3.95
N ASN C 78 -2.74 -24.50 4.60
CA ASN C 78 -3.78 -25.54 4.60
C ASN C 78 -4.85 -25.31 5.66
N ALA C 79 -4.43 -24.92 6.86
CA ALA C 79 -5.39 -24.68 7.93
C ALA C 79 -6.36 -23.55 7.58
N LEU C 80 -5.89 -22.58 6.81
CA LEU C 80 -6.70 -21.43 6.42
C LEU C 80 -7.24 -21.53 4.99
N SER C 81 -7.05 -22.68 4.34
CA SER C 81 -7.49 -22.87 2.96
C SER C 81 -8.96 -22.50 2.71
N ALA C 82 -9.85 -22.95 3.58
CA ALA C 82 -11.26 -22.66 3.43
C ALA C 82 -11.52 -21.16 3.49
N LEU C 83 -10.91 -20.51 4.48
CA LEU C 83 -11.06 -19.06 4.66
C LEU C 83 -10.48 -18.31 3.48
N SER C 84 -9.41 -18.85 2.92
CA SER C 84 -8.75 -18.23 1.78
C SER C 84 -9.70 -18.27 0.57
N ASP C 85 -10.34 -19.42 0.36
CA ASP C 85 -11.29 -19.57 -0.75
C ASP C 85 -12.41 -18.56 -0.58
N LEU C 86 -12.96 -18.48 0.63
CA LEU C 86 -14.06 -17.59 0.93
C LEU C 86 -13.77 -16.13 0.60
N HIS C 87 -12.60 -15.64 1.01
CA HIS C 87 -12.27 -14.26 0.74
C HIS C 87 -11.93 -14.04 -0.74
N ALA C 88 -11.26 -15.00 -1.37
CA ALA C 88 -10.88 -14.85 -2.77
C ALA C 88 -12.05 -14.96 -3.75
N HIS C 89 -12.96 -15.89 -3.48
CA HIS C 89 -14.08 -16.13 -4.39
C HIS C 89 -15.42 -15.52 -4.05
N LYS C 90 -15.64 -15.16 -2.78
CA LYS C 90 -16.93 -14.57 -2.41
C LYS C 90 -16.85 -13.16 -1.85
N LEU C 91 -16.23 -13.02 -0.69
CA LEU C 91 -16.10 -11.72 -0.04
C LEU C 91 -15.35 -10.72 -0.91
N ARG C 92 -14.20 -11.14 -1.41
CA ARG C 92 -13.37 -10.30 -2.29
C ARG C 92 -12.98 -8.96 -1.72
N VAL C 93 -12.59 -8.97 -0.45
CA VAL C 93 -12.14 -7.77 0.24
C VAL C 93 -10.85 -7.35 -0.44
N ASP C 94 -10.74 -6.08 -0.86
CA ASP C 94 -9.50 -5.68 -1.52
C ASP C 94 -8.34 -5.94 -0.59
N PRO C 95 -7.23 -6.46 -1.12
CA PRO C 95 -6.03 -6.77 -0.35
C PRO C 95 -5.51 -5.65 0.57
N VAL C 96 -5.66 -4.40 0.15
CA VAL C 96 -5.16 -3.29 0.95
C VAL C 96 -5.77 -3.26 2.36
N ASN C 97 -6.98 -3.78 2.51
CA ASN C 97 -7.63 -3.74 3.80
C ASN C 97 -7.06 -4.65 4.87
N PHE C 98 -6.41 -5.74 4.48
CA PHE C 98 -5.86 -6.66 5.47
C PHE C 98 -4.80 -6.00 6.36
N LYS C 99 -4.04 -5.07 5.80
CA LYS C 99 -3.01 -4.38 6.59
C LYS C 99 -3.66 -3.47 7.64
N LEU C 100 -4.84 -2.94 7.32
CA LEU C 100 -5.55 -2.07 8.25
C LEU C 100 -6.04 -2.88 9.45
N LEU C 101 -6.66 -4.03 9.20
CA LEU C 101 -7.15 -4.85 10.30
C LEU C 101 -5.96 -5.37 11.11
N SER C 102 -4.90 -5.76 10.42
CA SER C 102 -3.70 -6.27 11.09
C SER C 102 -3.16 -5.23 12.06
N HIS C 103 -3.07 -3.98 11.60
CA HIS C 103 -2.59 -2.89 12.45
C HIS C 103 -3.48 -2.74 13.68
N CYS C 104 -4.79 -2.74 13.46
CA CYS C 104 -5.73 -2.58 14.58
C CYS C 104 -5.68 -3.75 15.55
N LEU C 105 -5.34 -4.94 15.06
CA LEU C 105 -5.23 -6.09 15.94
C LEU C 105 -3.99 -5.87 16.80
N LEU C 106 -2.91 -5.37 16.18
CA LEU C 106 -1.68 -5.10 16.91
C LEU C 106 -1.91 -4.05 18.01
N VAL C 107 -2.65 -3.01 17.67
CA VAL C 107 -2.94 -1.95 18.63
C VAL C 107 -3.78 -2.51 19.78
N THR C 108 -4.72 -3.38 19.45
CA THR C 108 -5.57 -3.98 20.47
C THR C 108 -4.71 -4.84 21.40
N LEU C 109 -3.83 -5.65 20.83
CA LEU C 109 -2.97 -6.49 21.66
C LEU C 109 -2.04 -5.65 22.52
N ALA C 110 -1.51 -4.57 21.95
CA ALA C 110 -0.62 -3.69 22.70
C ALA C 110 -1.36 -3.10 23.89
N ALA C 111 -2.62 -2.74 23.70
CA ALA C 111 -3.41 -2.16 24.77
C ALA C 111 -3.78 -3.13 25.89
N HIS C 112 -3.72 -4.43 25.60
CA HIS C 112 -4.09 -5.46 26.58
C HIS C 112 -2.93 -6.31 27.12
N LEU C 113 -1.75 -6.17 26.51
CA LEU C 113 -0.59 -6.96 26.93
C LEU C 113 0.58 -6.08 27.34
N PRO C 114 0.44 -5.34 28.45
CA PRO C 114 1.54 -4.48 28.89
C PRO C 114 2.87 -5.22 29.06
N ALA C 115 2.82 -6.42 29.62
CA ALA C 115 4.05 -7.19 29.84
C ALA C 115 4.62 -7.92 28.62
N GLU C 116 3.79 -8.60 27.84
CA GLU C 116 4.29 -9.35 26.70
C GLU C 116 4.51 -8.63 25.38
N PHE C 117 3.97 -7.43 25.22
CA PHE C 117 4.14 -6.71 23.96
C PHE C 117 5.50 -6.01 23.86
N THR C 118 6.56 -6.81 23.89
CA THR C 118 7.93 -6.30 23.80
C THR C 118 8.25 -5.96 22.34
N PRO C 119 9.37 -5.27 22.09
CA PRO C 119 9.66 -4.99 20.67
C PRO C 119 9.78 -6.25 19.82
N ALA C 120 10.38 -7.31 20.39
CA ALA C 120 10.54 -8.56 19.66
C ALA C 120 9.18 -9.23 19.37
N VAL C 121 8.31 -9.23 20.37
CA VAL C 121 7.00 -9.85 20.20
C VAL C 121 6.18 -9.02 19.21
N HIS C 122 6.31 -7.71 19.30
CA HIS C 122 5.62 -6.79 18.38
C HIS C 122 6.04 -7.17 16.96
N ALA C 123 7.34 -7.34 16.75
CA ALA C 123 7.83 -7.70 15.42
C ALA C 123 7.24 -9.05 14.94
N SER C 124 7.26 -10.05 15.81
CA SER C 124 6.75 -11.37 15.46
C SER C 124 5.25 -11.34 15.14
N LEU C 125 4.48 -10.64 15.96
CA LEU C 125 3.05 -10.55 15.72
C LEU C 125 2.77 -9.89 14.39
N ASP C 126 3.54 -8.84 14.06
CA ASP C 126 3.32 -8.15 12.79
C ASP C 126 3.62 -9.10 11.62
N LYS C 127 4.68 -9.89 11.73
CA LYS C 127 5.00 -10.83 10.66
C LYS C 127 3.89 -11.89 10.56
N PHE C 128 3.43 -12.37 11.71
CA PHE C 128 2.36 -13.39 11.76
C PHE C 128 1.08 -12.90 11.07
N LEU C 129 0.61 -11.71 11.45
CA LEU C 129 -0.60 -11.18 10.86
C LEU C 129 -0.44 -10.95 9.37
N ALA C 130 0.77 -10.57 8.94
CA ALA C 130 1.04 -10.35 7.53
C ALA C 130 1.03 -11.71 6.82
N SER C 131 1.51 -12.75 7.51
CA SER C 131 1.52 -14.09 6.93
C SER C 131 0.08 -14.58 6.76
N VAL C 132 -0.74 -14.35 7.77
CA VAL C 132 -2.14 -14.76 7.69
C VAL C 132 -2.82 -14.01 6.57
N SER C 133 -2.55 -12.71 6.48
CA SER C 133 -3.15 -11.91 5.43
C SER C 133 -2.73 -12.43 4.05
N THR C 134 -1.45 -12.78 3.92
CA THR C 134 -0.94 -13.30 2.66
C THR C 134 -1.67 -14.58 2.27
N VAL C 135 -1.87 -15.47 3.24
CA VAL C 135 -2.58 -16.71 2.94
C VAL C 135 -4.00 -16.40 2.51
N LEU C 136 -4.65 -15.46 3.20
CA LEU C 136 -6.03 -15.12 2.86
C LEU C 136 -6.21 -14.44 1.52
N THR C 137 -5.13 -13.91 0.93
CA THR C 137 -5.26 -13.25 -0.37
C THR C 137 -4.49 -13.99 -1.47
N SER C 138 -3.94 -15.14 -1.13
CA SER C 138 -3.14 -15.93 -2.08
C SER C 138 -3.87 -16.51 -3.28
N LYS C 139 -5.19 -16.62 -3.19
CA LYS C 139 -5.98 -17.19 -4.28
C LYS C 139 -6.86 -16.16 -5.00
N TYR C 140 -6.59 -14.88 -4.76
CA TYR C 140 -7.38 -13.81 -5.38
C TYR C 140 -7.31 -13.77 -6.91
N ARG C 141 -6.18 -14.17 -7.47
CA ARG C 141 -6.04 -14.19 -8.93
C ARG C 141 -4.88 -15.08 -9.36
N HIS D 2 -9.64 16.32 8.52
CA HIS D 2 -9.36 17.24 9.66
C HIS D 2 -9.86 16.60 10.95
N LEU D 3 -9.36 17.08 12.08
CA LEU D 3 -9.76 16.57 13.39
C LEU D 3 -10.93 17.39 13.90
N THR D 4 -11.84 16.74 14.62
CA THR D 4 -12.97 17.46 15.18
C THR D 4 -12.49 18.13 16.45
N PRO D 5 -13.17 19.19 16.90
CA PRO D 5 -12.76 19.88 18.12
C PRO D 5 -12.61 18.91 19.29
N GLU D 6 -13.42 17.86 19.29
CA GLU D 6 -13.39 16.86 20.34
C GLU D 6 -12.17 15.95 20.20
N GLU D 7 -11.70 15.78 18.97
CA GLU D 7 -10.54 14.94 18.71
C GLU D 7 -9.26 15.68 19.07
N LYS D 8 -9.22 16.98 18.78
CA LYS D 8 -8.05 17.78 19.10
C LYS D 8 -7.84 17.79 20.61
N SER D 9 -8.93 17.95 21.35
CA SER D 9 -8.89 17.97 22.81
C SER D 9 -8.40 16.63 23.33
N ALA D 10 -8.83 15.55 22.68
CA ALA D 10 -8.43 14.22 23.09
C ALA D 10 -6.93 14.03 22.85
N VAL D 11 -6.46 14.48 21.69
CA VAL D 11 -5.05 14.37 21.36
C VAL D 11 -4.22 15.14 22.37
N THR D 12 -4.52 16.42 22.52
CA THR D 12 -3.81 17.29 23.44
C THR D 12 -3.83 16.76 24.88
N ALA D 13 -4.97 16.26 25.33
CA ALA D 13 -5.10 15.74 26.68
C ALA D 13 -4.20 14.54 26.94
N LEU D 14 -4.24 13.56 26.04
CA LEU D 14 -3.40 12.37 26.19
C LEU D 14 -1.93 12.73 26.12
N TRP D 15 -1.56 13.59 25.17
CA TRP D 15 -0.16 13.96 25.01
C TRP D 15 0.44 14.64 26.23
N GLY D 16 -0.40 15.28 27.04
CA GLY D 16 0.10 15.95 28.23
C GLY D 16 0.67 14.99 29.25
N LYS D 17 0.33 13.71 29.11
CA LYS D 17 0.82 12.68 30.02
C LYS D 17 1.97 11.90 29.43
N VAL D 18 2.36 12.25 28.21
CA VAL D 18 3.45 11.56 27.54
C VAL D 18 4.84 12.09 27.87
N ASN D 19 5.76 11.18 28.19
CA ASN D 19 7.13 11.54 28.45
C ASN D 19 7.73 11.47 27.04
N VAL D 20 7.85 12.62 26.39
CA VAL D 20 8.35 12.67 25.02
C VAL D 20 9.70 12.01 24.77
N ASP D 21 10.68 12.26 25.64
CA ASP D 21 11.99 11.64 25.46
C ASP D 21 11.91 10.13 25.45
N GLU D 22 11.20 9.57 26.42
CA GLU D 22 11.06 8.12 26.53
C GLU D 22 10.29 7.51 25.37
N VAL D 23 9.13 8.09 25.05
CA VAL D 23 8.32 7.55 23.96
C VAL D 23 9.09 7.68 22.63
N GLY D 24 9.91 8.71 22.51
CA GLY D 24 10.69 8.90 21.30
C GLY D 24 11.69 7.77 21.13
N GLY D 25 12.42 7.45 22.19
CA GLY D 25 13.40 6.37 22.10
C GLY D 25 12.71 5.04 21.84
N GLU D 26 11.56 4.85 22.47
CA GLU D 26 10.78 3.61 22.32
C GLU D 26 10.24 3.47 20.88
N ALA D 27 9.67 4.55 20.35
CA ALA D 27 9.11 4.51 19.00
C ALA D 27 10.16 4.31 17.91
N LEU D 28 11.23 5.10 17.94
CA LEU D 28 12.28 4.95 16.92
C LEU D 28 12.90 3.56 17.01
N GLY D 29 13.17 3.10 18.24
CA GLY D 29 13.76 1.79 18.42
C GLY D 29 12.86 0.70 17.85
N ARG D 30 11.57 0.74 18.18
CA ARG D 30 10.66 -0.29 17.67
C ARG D 30 10.60 -0.26 16.17
N LEU D 31 10.69 0.94 15.58
CA LEU D 31 10.66 1.04 14.12
C LEU D 31 11.80 0.22 13.55
N LEU D 32 13.00 0.39 14.10
CA LEU D 32 14.19 -0.32 13.63
C LEU D 32 14.16 -1.82 13.89
N VAL D 33 13.37 -2.25 14.86
CA VAL D 33 13.25 -3.66 15.18
C VAL D 33 12.18 -4.36 14.34
N VAL D 34 11.00 -3.74 14.28
CA VAL D 34 9.87 -4.31 13.53
C VAL D 34 10.06 -4.24 12.01
N TYR D 35 10.66 -3.16 11.54
CA TYR D 35 10.91 -2.95 10.10
C TYR D 35 12.41 -2.70 9.96
N PRO D 36 13.23 -3.77 10.11
CA PRO D 36 14.70 -3.79 10.03
C PRO D 36 15.34 -3.00 8.89
N TRP D 37 14.66 -2.93 7.75
CA TRP D 37 15.22 -2.21 6.62
C TRP D 37 15.36 -0.72 6.90
N THR D 38 14.66 -0.23 7.91
CA THR D 38 14.75 1.19 8.23
C THR D 38 16.09 1.50 8.89
N GLN D 39 16.83 0.46 9.26
CA GLN D 39 18.15 0.65 9.87
C GLN D 39 19.13 1.22 8.84
N ARG D 40 18.75 1.17 7.57
CA ARG D 40 19.61 1.66 6.50
C ARG D 40 20.12 3.09 6.66
N PHE D 41 19.37 3.93 7.37
CA PHE D 41 19.76 5.33 7.57
C PHE D 41 20.63 5.59 8.79
N PHE D 42 20.93 4.54 9.54
CA PHE D 42 21.70 4.70 10.77
C PHE D 42 22.94 3.84 10.87
N GLU D 43 23.66 3.70 9.76
CA GLU D 43 24.87 2.87 9.73
C GLU D 43 26.00 3.41 10.60
N SER D 44 25.84 4.62 11.12
CA SER D 44 26.86 5.23 11.98
C SER D 44 26.51 5.07 13.46
N PHE D 45 25.28 4.62 13.71
CA PHE D 45 24.80 4.45 15.09
C PHE D 45 25.36 3.25 15.84
N GLY D 46 26.09 2.38 15.15
CA GLY D 46 26.66 1.22 15.83
C GLY D 46 25.81 -0.04 15.78
N ASP D 47 25.92 -0.85 16.84
CA ASP D 47 25.23 -2.13 16.97
C ASP D 47 23.71 -2.08 16.96
N LEU D 48 23.12 -2.71 15.93
CA LEU D 48 21.66 -2.78 15.77
C LEU D 48 21.30 -4.22 15.42
N SER D 49 22.15 -5.17 15.83
CA SER D 49 21.96 -6.60 15.50
C SER D 49 20.91 -7.42 16.22
N THR D 50 20.36 -6.89 17.31
CA THR D 50 19.34 -7.59 18.08
C THR D 50 18.33 -6.58 18.61
N PRO D 51 17.16 -7.04 19.07
CA PRO D 51 16.16 -6.10 19.58
C PRO D 51 16.74 -5.25 20.72
N ASP D 52 17.41 -5.89 21.70
CA ASP D 52 17.98 -5.14 22.79
C ASP D 52 19.12 -4.22 22.35
N ALA D 53 19.89 -4.66 21.37
CA ALA D 53 21.00 -3.86 20.87
C ALA D 53 20.43 -2.56 20.29
N VAL D 54 19.28 -2.66 19.64
CA VAL D 54 18.64 -1.49 19.05
C VAL D 54 17.98 -0.62 20.11
N MET D 55 17.09 -1.21 20.90
CA MET D 55 16.36 -0.46 21.93
C MET D 55 17.26 0.23 22.94
N GLY D 56 18.37 -0.40 23.30
CA GLY D 56 19.27 0.20 24.28
C GLY D 56 20.39 1.02 23.69
N ASN D 57 20.49 1.05 22.36
CA ASN D 57 21.54 1.82 21.69
C ASN D 57 21.40 3.29 22.08
N PRO D 58 22.40 3.84 22.78
CA PRO D 58 22.31 5.25 23.17
C PRO D 58 22.10 6.27 22.04
N LYS D 59 22.63 5.99 20.85
CA LYS D 59 22.45 6.91 19.74
C LYS D 59 21.02 6.84 19.21
N VAL D 60 20.43 5.65 19.28
CA VAL D 60 19.04 5.47 18.85
C VAL D 60 18.14 6.20 19.84
N LYS D 61 18.40 6.03 21.14
CA LYS D 61 17.60 6.70 22.16
C LYS D 61 17.74 8.21 22.02
N ALA D 62 18.95 8.68 21.77
CA ALA D 62 19.18 10.11 21.63
C ALA D 62 18.44 10.66 20.42
N HIS D 63 18.50 9.94 19.31
CA HIS D 63 17.82 10.41 18.12
C HIS D 63 16.31 10.39 18.27
N GLY D 64 15.82 9.40 19.02
CA GLY D 64 14.39 9.30 19.26
C GLY D 64 13.86 10.53 19.96
N LYS D 65 14.66 11.09 20.86
CA LYS D 65 14.28 12.30 21.59
C LYS D 65 14.08 13.46 20.62
N LYS D 66 15.04 13.60 19.71
CA LYS D 66 15.05 14.64 18.70
C LYS D 66 13.80 14.53 17.82
N VAL D 67 13.57 13.33 17.32
CA VAL D 67 12.44 13.07 16.44
C VAL D 67 11.09 13.35 17.09
N LEU D 68 10.82 12.72 18.24
CA LEU D 68 9.54 12.94 18.87
C LEU D 68 9.43 14.36 19.42
N GLY D 69 10.57 14.99 19.66
CA GLY D 69 10.56 16.36 20.14
C GLY D 69 9.94 17.26 19.09
N ALA D 70 10.34 17.05 17.84
CA ALA D 70 9.81 17.82 16.72
C ALA D 70 8.34 17.45 16.49
N PHE D 71 8.04 16.17 16.68
CA PHE D 71 6.67 15.68 16.52
C PHE D 71 5.79 16.40 17.55
N SER D 72 6.26 16.44 18.78
CA SER D 72 5.53 17.08 19.87
C SER D 72 5.22 18.55 19.56
N ASP D 73 6.21 19.27 19.02
CA ASP D 73 5.98 20.67 18.70
C ASP D 73 4.89 20.79 17.66
N GLY D 74 4.86 19.83 16.74
CA GLY D 74 3.84 19.83 15.70
C GLY D 74 2.44 19.75 16.27
N LEU D 75 2.29 19.01 17.37
CA LEU D 75 0.99 18.85 18.01
C LEU D 75 0.46 20.16 18.56
N ALA D 76 1.31 21.16 18.64
CA ALA D 76 0.91 22.46 19.15
C ALA D 76 0.49 23.35 17.97
N HIS D 77 0.59 22.81 16.76
CA HIS D 77 0.22 23.54 15.55
C HIS D 77 -0.53 22.63 14.58
N LEU D 78 -1.55 21.95 15.09
CA LEU D 78 -2.33 21.01 14.27
C LEU D 78 -3.02 21.65 13.07
N ASP D 79 -3.21 22.98 13.12
CA ASP D 79 -3.86 23.66 12.01
C ASP D 79 -2.88 24.08 10.90
N ASN D 80 -1.58 23.89 11.13
CA ASN D 80 -0.58 24.22 10.12
C ASN D 80 0.58 23.24 10.17
N LEU D 81 0.29 21.96 10.00
CA LEU D 81 1.34 20.96 10.01
C LEU D 81 2.29 21.13 8.84
N LYS D 82 1.75 21.44 7.67
CA LYS D 82 2.60 21.62 6.50
C LYS D 82 3.62 22.74 6.71
N GLY D 83 3.20 23.88 7.23
CA GLY D 83 4.13 24.96 7.47
C GLY D 83 5.11 24.59 8.57
N THR D 84 4.59 23.98 9.63
CA THR D 84 5.40 23.57 10.77
C THR D 84 6.56 22.67 10.37
N PHE D 85 6.31 21.74 9.46
CA PHE D 85 7.34 20.80 9.04
C PHE D 85 8.04 21.09 7.70
N ALA D 86 7.80 22.27 7.14
CA ALA D 86 8.40 22.63 5.86
C ALA D 86 9.93 22.50 5.82
N THR D 87 10.63 23.08 6.79
CA THR D 87 12.08 22.99 6.78
C THR D 87 12.58 21.57 7.03
N LEU D 88 11.88 20.82 7.87
CA LEU D 88 12.29 19.45 8.12
C LEU D 88 12.01 18.58 6.90
N SER D 89 10.94 18.90 6.18
CA SER D 89 10.59 18.14 4.98
C SER D 89 11.69 18.31 3.96
N GLU D 90 12.08 19.55 3.72
CA GLU D 90 13.14 19.83 2.76
C GLU D 90 14.43 19.12 3.16
N LEU D 91 14.75 19.15 4.45
CA LEU D 91 15.96 18.50 4.94
C LEU D 91 15.93 16.99 4.71
N HIS D 92 14.82 16.35 5.06
CA HIS D 92 14.71 14.90 4.89
C HIS D 92 14.76 14.47 3.42
N CYS D 93 14.29 15.33 2.52
CA CYS D 93 14.34 14.99 1.10
C CYS D 93 15.72 15.27 0.50
N ASP D 94 16.13 16.55 0.56
CA ASP D 94 17.38 17.00 -0.02
C ASP D 94 18.69 16.56 0.62
N LYS D 95 18.72 16.43 1.94
CA LYS D 95 19.97 16.06 2.60
C LYS D 95 20.04 14.63 3.12
N LEU D 96 18.94 14.14 3.67
CA LEU D 96 18.92 12.79 4.24
C LEU D 96 18.43 11.70 3.30
N HIS D 97 17.72 12.10 2.25
CA HIS D 97 17.19 11.16 1.27
C HIS D 97 16.37 10.05 1.91
N VAL D 98 15.43 10.46 2.78
CA VAL D 98 14.57 9.51 3.46
C VAL D 98 13.22 9.31 2.77
N ASP D 99 12.96 8.10 2.32
CA ASP D 99 11.68 7.77 1.67
C ASP D 99 10.56 8.13 2.66
N PRO D 100 9.60 8.97 2.25
CA PRO D 100 8.49 9.35 3.16
C PRO D 100 7.71 8.19 3.77
N GLU D 101 7.77 7.02 3.15
CA GLU D 101 7.05 5.87 3.70
C GLU D 101 7.52 5.60 5.13
N ASN D 102 8.78 5.94 5.43
CA ASN D 102 9.32 5.74 6.76
C ASN D 102 8.53 6.53 7.81
N PHE D 103 8.07 7.72 7.44
CA PHE D 103 7.29 8.54 8.37
C PHE D 103 5.97 7.86 8.66
N ARG D 104 5.42 7.16 7.67
CA ARG D 104 4.16 6.47 7.86
C ARG D 104 4.38 5.26 8.77
N LEU D 105 5.45 4.52 8.52
CA LEU D 105 5.76 3.38 9.37
C LEU D 105 5.97 3.83 10.81
N LEU D 106 6.67 4.94 11.00
CA LEU D 106 6.92 5.44 12.36
C LEU D 106 5.62 5.83 13.02
N GLY D 107 4.71 6.42 12.25
CA GLY D 107 3.43 6.82 12.80
C GLY D 107 2.68 5.62 13.35
N ASN D 108 2.68 4.52 12.61
CA ASN D 108 1.99 3.31 13.05
C ASN D 108 2.63 2.74 14.31
N VAL D 109 3.96 2.75 14.35
CA VAL D 109 4.68 2.26 15.51
C VAL D 109 4.34 3.14 16.72
N LEU D 110 4.28 4.45 16.50
CA LEU D 110 3.96 5.36 17.58
C LEU D 110 2.57 5.06 18.14
N VAL D 111 1.62 4.77 17.25
CA VAL D 111 0.27 4.46 17.73
C VAL D 111 0.33 3.20 18.59
N CYS D 112 1.13 2.23 18.19
CA CYS D 112 1.27 1.00 18.95
C CYS D 112 1.90 1.28 20.30
N VAL D 113 2.90 2.16 20.32
CA VAL D 113 3.57 2.50 21.57
C VAL D 113 2.64 3.23 22.54
N LEU D 114 1.82 4.13 22.01
CA LEU D 114 0.88 4.86 22.86
C LEU D 114 -0.13 3.86 23.45
N ALA D 115 -0.58 2.92 22.62
CA ALA D 115 -1.52 1.90 23.08
C ALA D 115 -0.89 1.05 24.17
N HIS D 116 0.36 0.68 23.96
CA HIS D 116 1.08 -0.15 24.93
C HIS D 116 1.23 0.57 26.27
N HIS D 117 1.56 1.85 26.21
CA HIS D 117 1.75 2.63 27.42
C HIS D 117 0.45 2.96 28.15
N PHE D 118 -0.56 3.44 27.42
CA PHE D 118 -1.83 3.83 28.02
C PHE D 118 -2.90 2.77 28.23
N GLY D 119 -2.73 1.61 27.61
CA GLY D 119 -3.71 0.55 27.78
C GLY D 119 -5.13 0.94 27.41
N LYS D 120 -6.09 0.63 28.28
CA LYS D 120 -7.50 0.94 28.04
C LYS D 120 -7.77 2.42 27.75
N GLU D 121 -6.96 3.30 28.31
CA GLU D 121 -7.13 4.73 28.09
C GLU D 121 -7.00 5.09 26.62
N PHE D 122 -6.28 4.27 25.85
CA PHE D 122 -6.11 4.52 24.42
C PHE D 122 -7.30 3.87 23.72
N THR D 123 -8.46 4.49 23.90
CA THR D 123 -9.71 3.99 23.34
C THR D 123 -9.78 4.02 21.81
N PRO D 124 -10.77 3.32 21.24
CA PRO D 124 -10.88 3.32 19.77
C PRO D 124 -10.98 4.74 19.24
N PRO D 125 -11.82 5.60 19.87
CA PRO D 125 -11.94 6.98 19.39
C PRO D 125 -10.64 7.78 19.52
N VAL D 126 -9.88 7.54 20.59
CA VAL D 126 -8.62 8.25 20.79
C VAL D 126 -7.63 7.80 19.72
N GLN D 127 -7.63 6.51 19.40
CA GLN D 127 -6.74 5.98 18.37
C GLN D 127 -7.10 6.63 17.03
N ALA D 128 -8.40 6.72 16.75
CA ALA D 128 -8.84 7.32 15.50
C ALA D 128 -8.31 8.75 15.36
N ALA D 129 -8.28 9.48 16.48
CA ALA D 129 -7.78 10.84 16.48
C ALA D 129 -6.28 10.85 16.18
N TYR D 130 -5.54 9.95 16.81
CA TYR D 130 -4.10 9.87 16.60
C TYR D 130 -3.72 9.35 15.21
N GLN D 131 -4.59 8.55 14.60
CA GLN D 131 -4.31 8.06 13.26
C GLN D 131 -4.32 9.27 12.33
N LYS D 132 -5.26 10.19 12.56
CA LYS D 132 -5.35 11.39 11.73
C LYS D 132 -4.11 12.25 11.98
N VAL D 133 -3.64 12.27 13.22
CA VAL D 133 -2.46 13.06 13.56
C VAL D 133 -1.19 12.51 12.90
N VAL D 134 -0.91 11.22 13.09
CA VAL D 134 0.30 10.67 12.48
C VAL D 134 0.25 10.72 10.96
N ALA D 135 -0.94 10.62 10.39
CA ALA D 135 -1.08 10.68 8.94
C ALA D 135 -0.77 12.12 8.50
N GLY D 136 -1.33 13.09 9.23
CA GLY D 136 -1.10 14.49 8.91
C GLY D 136 0.36 14.87 9.01
N VAL D 137 1.03 14.36 10.04
CA VAL D 137 2.44 14.68 10.22
C VAL D 137 3.27 14.06 9.09
N ALA D 138 2.96 12.81 8.74
CA ALA D 138 3.68 12.15 7.66
C ALA D 138 3.49 12.91 6.35
N ASN D 139 2.25 13.35 6.09
CA ASN D 139 1.99 14.08 4.85
C ASN D 139 2.73 15.42 4.83
N ALA D 140 2.82 16.06 5.99
CA ALA D 140 3.52 17.34 6.08
C ALA D 140 5.01 17.15 5.84
N LEU D 141 5.58 16.09 6.40
CA LEU D 141 7.00 15.83 6.20
C LEU D 141 7.31 15.42 4.76
N ALA D 142 6.31 14.90 4.06
CA ALA D 142 6.49 14.48 2.68
C ALA D 142 6.19 15.58 1.67
N HIS D 143 5.53 16.63 2.14
CA HIS D 143 5.10 17.73 1.28
C HIS D 143 6.14 18.42 0.39
N LYS D 144 7.36 18.61 0.90
CA LYS D 144 8.38 19.30 0.13
C LYS D 144 9.29 18.41 -0.72
N TYR D 145 8.97 17.13 -0.80
CA TYR D 145 9.78 16.24 -1.62
C TYR D 145 9.54 16.59 -3.09
N HIS D 146 10.54 16.36 -3.92
CA HIS D 146 10.46 16.68 -5.34
C HIS D 146 11.46 15.80 -6.07
#